data_6NZM
#
_entry.id   6NZM
#
_cell.length_a   38.297
_cell.length_b   71.709
_cell.length_c   104.410
_cell.angle_alpha   90.000
_cell.angle_beta   89.950
_cell.angle_gamma   90.000
#
_symmetry.space_group_name_H-M   'P 1 21 1'
#
loop_
_entity.id
_entity.type
_entity.pdbx_description
1 polymer 'Tyrosine-protein kinase BTK'
2 non-polymer "N-[2-fluoro-6-(pyrrolidin-1-yl)phenyl]-N'-{3-[(2R)-1-(2-hydroxyethyl)-4-(7H-pyrrolo[2,3-d]pyrimidin-4-yl)piperazin-2-yl]phenyl}urea"
3 non-polymer 1,2-ETHANEDIOL
4 water water
#
_entity_poly.entity_id   1
_entity_poly.type   'polypeptide(L)'
_entity_poly.pdbx_seq_one_letter_code
;GSKNAPSTAGLGYGSWEIDPKDLTFLKELGTGQFGVVKYGKWRGQYDVAIKMIKEGSMSEDEFIEEAKVMMNLSHEKLVQ
LYGVCTKQRPIFIITEYMANGCLLNYLREMRHRFQTQQLLEMCKDVCEAMEYLESKQFLHRDLAARNCLVNDQGVVKVSD
FGLSRYVLDDEYTSSVGSKFPVRWSPPEVLMYSKFSSKSDIWAFGVLMWEIYSLGKMPYERFTNSETAEHIAQGLRLYRP
HLASEKVYTIMYSCWHEKADERPTFKILLSNILDVMDEES
;
_entity_poly.pdbx_strand_id   A,D
#
loop_
_chem_comp.id
_chem_comp.type
_chem_comp.name
_chem_comp.formula
EDO non-polymer 1,2-ETHANEDIOL 'C2 H6 O2'
L9S non-polymer N-[2-fluoro-6-(pyrrolidin-1-yl)phenyl]-N'-{3-[(2R)-1-(2-hydroxyethyl)-4-(7H-pyrrolo[2,3-d]pyrimidin-4-yl)piperazin-2-yl]phenyl}urea 'C29 H33 F N8 O2'
#
# COMPACT_ATOMS: atom_id res chain seq x y z
N TRP A 16 -8.76 -9.39 0.48
CA TRP A 16 -8.02 -10.60 1.03
C TRP A 16 -8.12 -11.78 0.05
N GLU A 17 -9.32 -12.07 -0.46
CA GLU A 17 -9.56 -13.21 -1.39
C GLU A 17 -8.96 -12.90 -2.76
N ILE A 18 -8.09 -13.79 -3.22
CA ILE A 18 -7.47 -13.87 -4.57
C ILE A 18 -8.19 -14.99 -5.34
N ASP A 19 -8.59 -14.67 -6.56
CA ASP A 19 -9.04 -15.67 -7.56
C ASP A 19 -7.82 -16.48 -8.02
N PRO A 20 -7.77 -17.81 -7.77
CA PRO A 20 -6.67 -18.65 -8.22
C PRO A 20 -6.48 -18.58 -9.74
N LYS A 21 -7.55 -18.33 -10.51
CA LYS A 21 -7.51 -18.09 -11.98
C LYS A 21 -6.56 -16.93 -12.34
N ASP A 22 -6.21 -16.02 -11.43
CA ASP A 22 -5.31 -14.88 -11.75
C ASP A 22 -3.85 -15.30 -11.55
N LEU A 23 -3.61 -16.56 -11.23
CA LEU A 23 -2.28 -17.10 -10.92
C LEU A 23 -1.75 -17.92 -12.08
N THR A 24 -0.51 -17.66 -12.44
CA THR A 24 0.24 -18.53 -13.37
C THR A 24 1.37 -19.18 -12.59
N PHE A 25 1.36 -20.52 -12.44
CA PHE A 25 2.40 -21.29 -11.72
C PHE A 25 3.60 -21.46 -12.64
N LEU A 26 4.83 -21.34 -12.12
CA LEU A 26 6.02 -21.34 -13.01
C LEU A 26 7.13 -22.27 -12.53
N LYS A 27 7.50 -22.26 -11.25
CA LYS A 27 8.63 -23.06 -10.71
C LYS A 27 8.32 -23.52 -9.27
N GLU A 28 8.81 -24.68 -8.84
CA GLU A 28 8.81 -25.07 -7.41
C GLU A 28 9.88 -24.24 -6.66
N LEU A 29 9.54 -23.71 -5.49
CA LEU A 29 10.51 -23.03 -4.60
C LEU A 29 10.90 -23.92 -3.41
N GLY A 30 10.04 -24.80 -2.95
CA GLY A 30 10.29 -25.51 -1.68
C GLY A 30 9.11 -26.38 -1.26
N THR A 31 9.43 -27.46 -0.57
CA THR A 31 8.47 -28.44 0.01
C THR A 31 8.78 -28.60 1.50
N GLY A 32 7.75 -28.75 2.30
CA GLY A 32 7.85 -29.02 3.74
C GLY A 32 6.68 -29.86 4.22
N GLN A 33 6.60 -30.08 5.52
CA GLN A 33 5.62 -30.95 6.22
C GLN A 33 4.20 -30.39 6.01
N PHE A 34 4.06 -29.06 5.89
CA PHE A 34 2.75 -28.35 5.89
C PHE A 34 2.41 -27.86 4.47
N GLY A 35 3.36 -27.88 3.53
CA GLY A 35 3.05 -27.37 2.19
C GLY A 35 4.16 -27.31 1.16
N VAL A 36 3.77 -26.82 -0.01
CA VAL A 36 4.60 -26.71 -1.23
C VAL A 36 4.46 -25.27 -1.68
N VAL A 37 5.59 -24.59 -1.86
CA VAL A 37 5.60 -23.19 -2.31
C VAL A 37 6.12 -23.12 -3.75
N LYS A 38 5.34 -22.49 -4.63
CA LYS A 38 5.67 -22.30 -6.06
C LYS A 38 5.80 -20.82 -6.37
N TYR A 39 6.78 -20.54 -7.22
CA TYR A 39 6.99 -19.24 -7.87
C TYR A 39 5.92 -19.08 -8.96
N GLY A 40 5.30 -17.91 -9.02
CA GLY A 40 4.20 -17.68 -9.94
C GLY A 40 4.04 -16.21 -10.32
N LYS A 41 3.08 -15.94 -11.21
CA LYS A 41 2.69 -14.55 -11.53
C LYS A 41 1.25 -14.31 -11.13
N TRP A 42 0.93 -13.10 -10.68
CA TRP A 42 -0.47 -12.66 -10.48
C TRP A 42 -0.91 -11.74 -11.61
N ARG A 43 -2.03 -12.07 -12.24
CA ARG A 43 -2.52 -11.38 -13.46
C ARG A 43 -1.33 -11.13 -14.40
N GLY A 44 -0.55 -12.16 -14.74
CA GLY A 44 0.37 -12.27 -15.90
C GLY A 44 1.71 -11.57 -15.72
N GLN A 45 1.86 -10.84 -14.61
CA GLN A 45 2.73 -9.65 -14.51
C GLN A 45 3.53 -9.64 -13.21
N TYR A 46 2.87 -9.80 -12.06
CA TYR A 46 3.46 -9.55 -10.72
C TYR A 46 3.98 -10.85 -10.11
N ASP A 47 5.23 -10.87 -9.66
CA ASP A 47 5.85 -12.04 -8.96
C ASP A 47 5.17 -12.31 -7.63
N VAL A 48 4.82 -13.58 -7.40
CA VAL A 48 4.23 -14.06 -6.12
C VAL A 48 4.82 -15.44 -5.80
N ALA A 49 4.87 -15.76 -4.51
CA ALA A 49 5.02 -17.09 -3.94
C ALA A 49 3.62 -17.62 -3.60
N ILE A 50 3.32 -18.84 -4.05
CA ILE A 50 2.02 -19.49 -3.79
C ILE A 50 2.32 -20.64 -2.85
N LYS A 51 1.87 -20.52 -1.61
CA LYS A 51 1.98 -21.56 -0.57
C LYS A 51 0.74 -22.43 -0.70
N MET A 52 0.91 -23.65 -1.19
CA MET A 52 -0.16 -24.68 -1.34
C MET A 52 -0.17 -25.59 -0.09
N ILE A 53 -1.19 -25.40 0.76
CA ILE A 53 -1.29 -26.13 2.05
C ILE A 53 -1.62 -27.59 1.75
N LYS A 54 -0.89 -28.53 2.35
CA LYS A 54 -1.21 -29.98 2.21
C LYS A 54 -2.52 -30.25 2.96
N GLU A 55 -3.47 -31.00 2.35
CA GLU A 55 -4.74 -31.36 3.01
C GLU A 55 -4.42 -32.02 4.37
N GLY A 56 -5.12 -31.62 5.43
CA GLY A 56 -5.06 -32.22 6.77
C GLY A 56 -3.90 -31.71 7.62
N SER A 57 -3.03 -30.84 7.13
CA SER A 57 -1.88 -30.34 7.93
C SER A 57 -2.31 -29.18 8.83
N MET A 58 -3.43 -28.52 8.49
CA MET A 58 -3.70 -27.17 9.03
C MET A 58 -5.18 -26.99 9.39
N SER A 59 -5.44 -26.29 10.48
CA SER A 59 -6.80 -25.91 10.96
C SER A 59 -7.25 -24.72 10.09
N GLU A 60 -7.72 -25.02 8.89
CA GLU A 60 -7.88 -24.03 7.82
C GLU A 60 -8.96 -22.99 8.18
N ASP A 61 -10.04 -23.39 8.84
CA ASP A 61 -11.12 -22.41 9.13
C ASP A 61 -10.65 -21.46 10.24
N GLU A 62 -9.84 -21.93 11.19
CA GLU A 62 -9.23 -21.04 12.19
C GLU A 62 -8.24 -20.07 11.50
N PHE A 63 -7.44 -20.58 10.61
CA PHE A 63 -6.43 -19.76 9.89
C PHE A 63 -7.15 -18.61 9.16
N ILE A 64 -8.25 -18.95 8.50
CA ILE A 64 -8.95 -18.02 7.59
C ILE A 64 -9.36 -16.78 8.38
N GLU A 65 -10.00 -16.94 9.55
CA GLU A 65 -10.35 -15.78 10.42
C GLU A 65 -9.08 -15.01 10.88
N GLU A 66 -7.95 -15.69 11.07
CA GLU A 66 -6.68 -15.06 11.54
C GLU A 66 -6.12 -14.23 10.40
N ALA A 67 -6.23 -14.73 9.17
CA ALA A 67 -5.65 -14.08 7.97
C ALA A 67 -6.10 -12.61 7.89
N LYS A 68 -7.18 -12.23 8.57
CA LYS A 68 -7.69 -10.82 8.55
C LYS A 68 -6.78 -9.91 9.40
N VAL A 69 -6.36 -10.34 10.59
CA VAL A 69 -5.42 -9.55 11.44
C VAL A 69 -4.03 -9.58 10.76
N MET A 70 -3.70 -10.69 10.11
CA MET A 70 -2.42 -10.82 9.39
C MET A 70 -2.47 -9.92 8.13
N MET A 71 -3.62 -9.76 7.46
CA MET A 71 -3.68 -8.89 6.25
C MET A 71 -3.37 -7.44 6.63
N ASN A 72 -3.53 -7.08 7.90
CA ASN A 72 -3.20 -5.73 8.42
C ASN A 72 -1.79 -5.67 8.98
N LEU A 73 -1.05 -6.77 9.05
CA LEU A 73 0.40 -6.70 9.37
C LEU A 73 1.16 -6.34 8.09
N SER A 74 1.86 -5.21 8.08
CA SER A 74 2.58 -4.70 6.89
C SER A 74 3.81 -3.94 7.37
N HIS A 75 4.96 -4.46 6.95
CA HIS A 75 6.25 -3.87 7.32
C HIS A 75 7.23 -4.28 6.25
N GLU A 76 8.18 -3.39 5.96
CA GLU A 76 9.12 -3.63 4.83
C GLU A 76 10.01 -4.83 5.16
N LYS A 77 10.12 -5.25 6.43
CA LYS A 77 11.00 -6.41 6.76
C LYS A 77 10.16 -7.62 7.11
N LEU A 78 8.85 -7.63 6.79
CA LEU A 78 7.92 -8.69 7.12
C LEU A 78 7.41 -9.18 5.76
N VAL A 79 7.59 -10.44 5.43
CA VAL A 79 7.14 -10.99 4.13
C VAL A 79 5.66 -10.61 3.97
N GLN A 80 5.34 -9.93 2.87
CA GLN A 80 4.00 -9.35 2.68
C GLN A 80 3.06 -10.50 2.31
N LEU A 81 1.98 -10.63 3.06
CA LEU A 81 0.83 -11.47 2.68
C LEU A 81 0.04 -10.68 1.64
N TYR A 82 -0.31 -11.31 0.52
CA TYR A 82 -1.12 -10.66 -0.53
C TYR A 82 -2.55 -11.10 -0.38
N GLY A 83 -2.74 -12.38 -0.09
CA GLY A 83 -4.11 -12.89 0.05
C GLY A 83 -4.17 -14.38 0.14
N VAL A 84 -5.40 -14.87 0.13
CA VAL A 84 -5.66 -16.31 0.38
C VAL A 84 -6.65 -16.79 -0.67
N CYS A 85 -6.57 -18.07 -0.99
CA CYS A 85 -7.50 -18.69 -1.96
C CYS A 85 -8.26 -19.74 -1.15
N THR A 86 -9.50 -19.45 -0.75
CA THR A 86 -10.17 -20.24 0.32
C THR A 86 -11.50 -20.83 -0.18
N LYS A 87 -11.69 -20.93 -1.50
CA LYS A 87 -12.89 -21.60 -2.07
C LYS A 87 -12.49 -23.03 -2.44
N GLN A 88 -11.30 -23.47 -2.04
CA GLN A 88 -10.75 -24.82 -2.24
C GLN A 88 -10.40 -25.46 -0.89
N ILE A 91 -6.40 -25.06 -0.44
CA ILE A 91 -6.28 -23.65 0.08
C ILE A 91 -4.86 -23.11 -0.13
N PHE A 92 -4.74 -21.88 -0.59
CA PHE A 92 -3.44 -21.27 -0.95
C PHE A 92 -3.25 -19.99 -0.16
N ILE A 93 -2.00 -19.72 0.18
CA ILE A 93 -1.56 -18.44 0.78
C ILE A 93 -0.65 -17.75 -0.23
N ILE A 94 -0.98 -16.53 -0.57
CA ILE A 94 -0.20 -15.82 -1.63
C ILE A 94 0.63 -14.76 -0.94
N THR A 95 1.95 -14.85 -1.10
CA THR A 95 2.90 -13.92 -0.43
C THR A 95 3.93 -13.35 -1.40
N GLU A 96 4.65 -12.34 -0.90
CA GLU A 96 5.85 -11.74 -1.52
C GLU A 96 6.84 -12.85 -1.90
N TYR A 97 7.38 -12.74 -3.10
CA TYR A 97 8.40 -13.67 -3.62
C TYR A 97 9.75 -13.11 -3.19
N MET A 98 10.60 -13.98 -2.67
CA MET A 98 11.92 -13.62 -2.10
C MET A 98 12.96 -14.43 -2.86
N ALA A 99 13.59 -13.83 -3.87
CA ALA A 99 14.34 -14.55 -4.92
C ALA A 99 15.54 -15.32 -4.36
N ASN A 100 16.15 -14.88 -3.26
CA ASN A 100 17.33 -15.58 -2.69
C ASN A 100 16.92 -16.64 -1.66
N GLY A 101 15.62 -16.81 -1.43
CA GLY A 101 15.11 -17.98 -0.70
C GLY A 101 15.45 -17.96 0.80
N CYS A 102 15.53 -19.17 1.34
CA CYS A 102 15.62 -19.48 2.79
C CYS A 102 16.91 -18.87 3.37
N LEU A 103 16.82 -18.08 4.43
CA LEU A 103 18.04 -17.45 5.06
C LEU A 103 19.05 -18.53 5.52
N LEU A 104 18.60 -19.65 6.03
CA LEU A 104 19.56 -20.70 6.54
C LEU A 104 20.42 -21.19 5.37
N ASN A 105 19.80 -21.48 4.21
CA ASN A 105 20.53 -21.91 3.01
C ASN A 105 21.48 -20.79 2.56
N TYR A 106 20.96 -19.57 2.51
CA TYR A 106 21.75 -18.37 2.17
C TYR A 106 23.03 -18.31 3.02
N LEU A 107 22.91 -18.48 4.32
CA LEU A 107 24.05 -18.36 5.29
C LEU A 107 25.07 -19.47 5.03
N ARG A 108 24.62 -20.68 4.65
CA ARG A 108 25.50 -21.86 4.43
C ARG A 108 26.27 -21.74 3.10
N GLU A 109 25.80 -20.95 2.11
CA GLU A 109 26.51 -20.72 0.84
C GLU A 109 27.80 -19.91 1.11
N MET A 110 28.96 -20.56 1.23
CA MET A 110 30.24 -19.90 1.63
C MET A 110 30.73 -18.99 0.51
N ARG A 111 30.24 -19.19 -0.72
CA ARG A 111 30.54 -18.28 -1.85
C ARG A 111 30.22 -16.80 -1.53
N HIS A 112 29.28 -16.46 -0.64
CA HIS A 112 28.94 -15.03 -0.40
C HIS A 112 30.13 -14.35 0.28
N ARG A 113 30.95 -15.11 0.98
CA ARG A 113 32.11 -14.54 1.69
C ARG A 113 31.65 -13.26 2.44
N PHE A 114 30.65 -13.37 3.34
CA PHE A 114 29.99 -12.24 4.03
C PHE A 114 31.01 -11.46 4.86
N GLN A 115 30.87 -10.15 4.83
CA GLN A 115 31.54 -9.25 5.80
C GLN A 115 30.67 -9.30 7.04
N THR A 116 31.27 -9.07 8.21
CA THR A 116 30.47 -9.03 9.46
C THR A 116 29.44 -7.89 9.38
N GLN A 117 29.71 -6.79 8.65
CA GLN A 117 28.74 -5.65 8.49
C GLN A 117 27.48 -6.22 7.81
N GLN A 118 27.64 -7.15 6.89
CA GLN A 118 26.48 -7.76 6.20
C GLN A 118 25.66 -8.60 7.20
N LEU A 119 26.34 -9.38 8.01
CA LEU A 119 25.70 -10.23 9.03
C LEU A 119 24.89 -9.35 9.98
N LEU A 120 25.42 -8.18 10.40
CA LEU A 120 24.76 -7.32 11.41
C LEU A 120 23.50 -6.70 10.78
N GLU A 121 23.57 -6.30 9.54
CA GLU A 121 22.44 -5.82 8.72
C GLU A 121 21.35 -6.88 8.64
N MET A 122 21.67 -8.16 8.48
CA MET A 122 20.59 -9.21 8.47
C MET A 122 19.94 -9.25 9.87
N CYS A 123 20.75 -9.13 10.95
CA CYS A 123 20.19 -9.07 12.32
C CYS A 123 19.23 -7.84 12.43
N LYS A 124 19.60 -6.71 11.89
CA LYS A 124 18.80 -5.45 11.98
C LYS A 124 17.51 -5.64 11.21
N ASP A 125 17.56 -6.25 10.04
CA ASP A 125 16.34 -6.43 9.20
C ASP A 125 15.30 -7.21 10.04
N VAL A 126 15.78 -8.30 10.57
CA VAL A 126 14.98 -9.20 11.43
C VAL A 126 14.49 -8.44 12.66
N CYS A 127 15.37 -7.71 13.37
CA CYS A 127 14.99 -6.97 14.58
C CYS A 127 13.90 -5.94 14.24
N GLU A 128 14.02 -5.28 13.10
CA GLU A 128 13.01 -4.25 12.67
C GLU A 128 11.65 -4.95 12.50
N ALA A 129 11.62 -6.12 11.89
CA ALA A 129 10.35 -6.86 11.71
C ALA A 129 9.75 -7.21 13.06
N MET A 130 10.57 -7.77 13.97
CA MET A 130 10.17 -8.23 15.30
C MET A 130 9.71 -7.04 16.17
N GLU A 131 10.35 -5.88 16.07
CA GLU A 131 9.95 -4.64 16.76
C GLU A 131 8.52 -4.26 16.31
N TYR A 132 8.25 -4.28 15.02
CA TYR A 132 6.89 -4.05 14.45
C TYR A 132 5.90 -5.06 15.03
N LEU A 133 6.21 -6.35 14.98
CA LEU A 133 5.26 -7.38 15.47
C LEU A 133 5.02 -7.09 16.95
N GLU A 134 6.09 -6.82 17.70
CA GLU A 134 5.97 -6.60 19.16
C GLU A 134 5.05 -5.40 19.36
N SER A 135 5.18 -4.37 18.51
CA SER A 135 4.34 -3.12 18.56
C SER A 135 2.87 -3.50 18.42
N LYS A 136 2.58 -4.62 17.76
CA LYS A 136 1.21 -5.04 17.45
C LYS A 136 0.78 -6.17 18.38
N GLN A 137 1.59 -6.44 19.41
CA GLN A 137 1.35 -7.52 20.40
C GLN A 137 1.16 -8.85 19.68
N PHE A 138 1.85 -9.02 18.54
CA PHE A 138 1.84 -10.25 17.71
C PHE A 138 3.11 -11.07 17.94
N LEU A 139 2.95 -12.33 18.31
CA LEU A 139 4.09 -13.26 18.49
C LEU A 139 4.38 -13.99 17.19
N HIS A 140 5.64 -14.19 16.88
CA HIS A 140 6.01 -15.04 15.73
C HIS A 140 5.67 -16.48 16.07
N ARG A 141 6.22 -16.92 17.22
CA ARG A 141 6.09 -18.26 17.85
C ARG A 141 7.09 -19.26 17.26
N ASP A 142 7.78 -18.96 16.16
CA ASP A 142 8.70 -19.92 15.52
C ASP A 142 9.82 -19.17 14.80
N LEU A 143 10.38 -18.14 15.44
CA LEU A 143 11.43 -17.35 14.83
C LEU A 143 12.72 -18.21 14.80
N ALA A 144 13.31 -18.30 13.61
CA ALA A 144 14.53 -19.08 13.29
C ALA A 144 14.97 -18.75 11.85
N ALA A 145 16.27 -18.88 11.55
CA ALA A 145 16.81 -18.64 10.19
C ALA A 145 15.96 -19.39 9.13
N ARG A 146 15.54 -20.63 9.44
CA ARG A 146 14.79 -21.46 8.50
C ARG A 146 13.47 -20.76 8.12
N ASN A 147 13.00 -19.79 8.88
CA ASN A 147 11.71 -19.08 8.65
C ASN A 147 11.99 -17.61 8.31
N CYS A 148 13.21 -17.31 7.88
CA CYS A 148 13.48 -16.00 7.25
C CYS A 148 13.81 -16.23 5.77
N LEU A 149 13.47 -15.27 4.94
CA LEU A 149 13.75 -15.30 3.49
C LEU A 149 14.64 -14.12 3.11
N VAL A 150 15.23 -14.18 1.94
CA VAL A 150 16.20 -13.17 1.45
C VAL A 150 15.74 -12.74 0.06
N ASN A 151 15.59 -11.44 -0.17
CA ASN A 151 15.17 -10.95 -1.50
C ASN A 151 16.37 -10.72 -2.43
N ASP A 152 16.02 -10.30 -3.64
CA ASP A 152 16.97 -10.05 -4.74
C ASP A 152 17.99 -8.95 -4.39
N GLN A 153 17.69 -8.10 -3.41
CA GLN A 153 18.62 -7.04 -2.97
C GLN A 153 19.35 -7.42 -1.68
N GLY A 154 19.25 -8.68 -1.21
CA GLY A 154 20.00 -9.19 -0.05
C GLY A 154 19.36 -8.83 1.28
N VAL A 155 18.14 -8.29 1.25
CA VAL A 155 17.30 -7.90 2.40
C VAL A 155 16.62 -9.13 2.98
N VAL A 156 16.76 -9.26 4.29
CA VAL A 156 16.16 -10.35 5.08
C VAL A 156 14.77 -9.94 5.56
N LYS A 157 13.84 -10.85 5.40
CA LYS A 157 12.49 -10.57 5.95
C LYS A 157 11.99 -11.80 6.70
N VAL A 158 11.11 -11.53 7.65
CA VAL A 158 10.52 -12.56 8.55
C VAL A 158 9.28 -13.18 7.93
N SER A 159 9.21 -14.50 7.94
CA SER A 159 8.15 -15.25 7.21
C SER A 159 7.46 -16.22 8.16
N ASP A 160 6.27 -16.65 7.81
CA ASP A 160 5.56 -17.75 8.50
C ASP A 160 5.32 -17.37 9.96
N PHE A 161 5.23 -16.08 10.27
CA PHE A 161 4.97 -15.59 11.63
C PHE A 161 3.52 -15.96 11.97
N GLY A 162 3.30 -16.52 13.15
CA GLY A 162 1.96 -16.88 13.66
C GLY A 162 1.37 -18.19 13.13
N LEU A 163 1.91 -18.80 12.11
CA LEU A 163 1.17 -19.87 11.38
C LEU A 163 1.23 -21.18 12.13
N SER A 164 2.25 -21.39 13.01
CA SER A 164 2.34 -22.61 13.85
C SER A 164 1.06 -22.81 14.65
N ARG A 165 0.28 -21.77 14.96
CA ARG A 165 -0.96 -21.89 15.75
C ARG A 165 -2.01 -22.74 15.01
N TYR A 166 -1.88 -22.95 13.71
CA TYR A 166 -2.90 -23.70 12.93
C TYR A 166 -2.35 -25.06 12.53
N VAL A 167 -1.14 -25.45 12.97
CA VAL A 167 -0.51 -26.75 12.59
C VAL A 167 -1.18 -27.88 13.41
N LEU A 168 -1.72 -28.93 12.77
CA LEU A 168 -2.50 -29.97 13.50
C LEU A 168 -1.59 -31.07 14.07
N ASP A 169 -0.36 -31.22 13.59
CA ASP A 169 0.57 -32.28 14.07
C ASP A 169 1.17 -31.91 15.44
N ASP A 170 0.84 -32.68 16.48
CA ASP A 170 1.27 -32.38 17.88
C ASP A 170 2.78 -32.63 18.05
N GLU A 171 3.43 -33.41 17.18
CA GLU A 171 4.92 -33.53 17.24
C GLU A 171 5.57 -32.16 16.94
N TYR A 172 4.91 -31.30 16.15
CA TYR A 172 5.42 -29.93 15.94
C TYR A 172 5.02 -28.98 17.07
N THR A 173 3.80 -29.07 17.61
CA THR A 173 3.28 -27.91 18.39
C THR A 173 3.54 -28.03 19.90
N SER A 174 3.61 -29.23 20.48
CA SER A 174 3.86 -29.36 21.94
C SER A 174 5.36 -29.28 22.20
N SER A 175 5.74 -28.84 23.41
CA SER A 175 7.15 -28.66 23.88
C SER A 175 7.82 -30.03 23.95
N VAL A 176 7.06 -31.08 24.27
CA VAL A 176 7.55 -32.48 24.40
C VAL A 176 7.53 -33.14 23.02
N GLY A 177 6.94 -32.49 22.01
CA GLY A 177 6.90 -33.01 20.62
C GLY A 177 8.29 -33.19 20.00
N SER A 178 8.43 -34.16 19.09
CA SER A 178 9.68 -34.56 18.37
C SER A 178 10.03 -33.59 17.22
N LYS A 179 9.14 -32.67 16.85
CA LYS A 179 9.49 -31.67 15.80
C LYS A 179 9.34 -30.24 16.35
N PHE A 180 9.26 -30.10 17.68
CA PHE A 180 9.20 -28.80 18.39
C PHE A 180 10.55 -28.09 18.31
N PRO A 181 10.57 -26.75 18.17
CA PRO A 181 11.83 -25.99 18.06
C PRO A 181 12.51 -25.74 19.39
N VAL A 182 12.89 -26.84 19.98
CA VAL A 182 13.58 -26.87 21.29
C VAL A 182 14.78 -25.89 21.27
N ARG A 183 15.53 -25.79 20.17
CA ARG A 183 16.84 -25.11 20.19
C ARG A 183 16.61 -23.63 20.13
N TRP A 184 15.37 -23.14 19.91
CA TRP A 184 15.01 -21.72 19.83
C TRP A 184 14.05 -21.37 20.98
N SER A 185 13.99 -22.19 22.03
CA SER A 185 13.00 -22.07 23.13
C SER A 185 13.68 -21.77 24.47
N PRO A 186 13.16 -20.78 25.24
CA PRO A 186 13.63 -20.52 26.59
C PRO A 186 13.16 -21.56 27.60
N PRO A 187 13.85 -21.64 28.76
CA PRO A 187 13.55 -22.64 29.78
C PRO A 187 12.09 -22.63 30.22
N GLU A 188 11.48 -21.45 30.35
CA GLU A 188 10.05 -21.39 30.79
C GLU A 188 9.13 -21.99 29.73
N VAL A 189 9.51 -21.98 28.45
CA VAL A 189 8.73 -22.67 27.39
C VAL A 189 8.95 -24.19 27.54
N LEU A 190 10.20 -24.64 27.64
CA LEU A 190 10.51 -26.10 27.69
C LEU A 190 9.90 -26.74 28.96
N MET A 191 9.89 -25.99 30.06
CA MET A 191 9.47 -26.54 31.38
C MET A 191 7.95 -26.42 31.58
N TYR A 192 7.33 -25.30 31.19
CA TYR A 192 5.98 -24.87 31.65
C TYR A 192 5.10 -24.43 30.48
N SER A 193 5.60 -24.39 29.24
CA SER A 193 4.81 -23.92 28.08
C SER A 193 4.43 -22.47 28.26
N LYS A 194 5.32 -21.69 28.84
CA LYS A 194 5.09 -20.25 29.11
C LYS A 194 5.52 -19.41 27.90
N PHE A 195 4.62 -19.15 26.97
CA PHE A 195 4.97 -18.40 25.74
C PHE A 195 4.64 -16.93 25.94
N SER A 196 5.47 -16.03 25.43
CA SER A 196 5.41 -14.58 25.69
C SER A 196 6.27 -13.82 24.66
N SER A 197 6.18 -12.46 24.63
CA SER A 197 7.13 -11.59 23.91
C SER A 197 8.54 -12.12 24.18
N LYS A 198 8.82 -12.57 25.38
CA LYS A 198 10.21 -12.93 25.79
C LYS A 198 10.64 -14.30 25.29
N SER A 199 9.71 -15.13 24.79
CA SER A 199 10.13 -16.37 24.12
C SER A 199 10.54 -16.02 22.69
N ASP A 200 9.91 -15.04 22.06
CA ASP A 200 10.38 -14.47 20.80
C ASP A 200 11.76 -13.81 21.01
N ILE A 201 11.95 -13.06 22.10
CA ILE A 201 13.29 -12.44 22.35
C ILE A 201 14.37 -13.54 22.44
N TRP A 202 14.07 -14.58 23.16
CA TRP A 202 15.01 -15.75 23.23
C TRP A 202 15.30 -16.28 21.83
N ALA A 203 14.26 -16.58 21.08
CA ALA A 203 14.42 -17.10 19.73
C ALA A 203 15.31 -16.20 18.88
N PHE A 204 15.10 -14.90 18.99
CA PHE A 204 15.83 -13.90 18.23
C PHE A 204 17.33 -14.03 18.53
N GLY A 205 17.68 -14.23 19.78
CA GLY A 205 19.07 -14.41 20.25
C GLY A 205 19.71 -15.59 19.53
N VAL A 206 19.00 -16.71 19.49
CA VAL A 206 19.45 -17.93 18.78
C VAL A 206 19.61 -17.59 17.30
N LEU A 207 18.65 -16.89 16.69
CA LEU A 207 18.77 -16.47 15.26
C LEU A 207 20.06 -15.68 15.03
N MET A 208 20.41 -14.72 15.92
CA MET A 208 21.60 -13.89 15.72
C MET A 208 22.80 -14.84 15.73
N TRP A 209 22.77 -15.83 16.61
CA TRP A 209 23.80 -16.90 16.69
C TRP A 209 23.84 -17.63 15.34
N GLU A 210 22.69 -18.01 14.78
CA GLU A 210 22.67 -18.74 13.50
C GLU A 210 23.37 -17.90 12.42
N ILE A 211 23.02 -16.61 12.33
CA ILE A 211 23.62 -15.66 11.35
C ILE A 211 25.14 -15.64 11.56
N TYR A 212 25.61 -15.33 12.77
CA TYR A 212 27.06 -15.15 12.98
C TYR A 212 27.86 -16.45 12.93
N SER A 213 27.20 -17.60 13.02
CA SER A 213 27.81 -18.94 12.86
C SER A 213 27.70 -19.42 11.39
N LEU A 214 27.23 -18.58 10.43
CA LEU A 214 27.01 -18.95 9.00
C LEU A 214 26.13 -20.22 8.88
N GLY A 215 25.13 -20.37 9.75
CA GLY A 215 24.06 -21.35 9.64
C GLY A 215 24.40 -22.69 10.23
N LYS A 216 25.28 -22.76 11.24
CA LYS A 216 25.42 -23.94 12.11
C LYS A 216 24.10 -24.21 12.83
N MET A 217 23.81 -25.47 13.04
CA MET A 217 22.78 -25.89 14.04
C MET A 217 23.18 -25.46 15.46
N PRO A 218 22.29 -24.68 16.15
CA PRO A 218 22.44 -24.38 17.57
C PRO A 218 22.63 -25.68 18.37
N TYR A 219 23.64 -25.73 19.26
CA TYR A 219 23.90 -26.89 20.16
C TYR A 219 24.18 -28.08 19.24
N GLU A 220 25.16 -27.87 18.35
CA GLU A 220 25.51 -28.72 17.19
C GLU A 220 25.71 -30.18 17.65
N ARG A 221 26.39 -30.34 18.79
CA ARG A 221 26.83 -31.68 19.26
C ARG A 221 25.75 -32.33 20.14
N PHE A 222 24.60 -31.67 20.40
CA PHE A 222 23.55 -32.14 21.32
C PHE A 222 22.30 -32.63 20.57
N THR A 223 21.62 -33.57 21.22
CA THR A 223 20.22 -33.92 20.90
C THR A 223 19.27 -32.78 21.38
N ASN A 224 18.01 -32.76 20.95
CA ASN A 224 17.04 -31.84 21.61
C ASN A 224 16.92 -32.13 23.13
N SER A 225 16.89 -33.39 23.53
CA SER A 225 16.85 -33.80 24.97
C SER A 225 18.03 -33.16 25.72
N GLU A 226 19.22 -33.30 25.18
CA GLU A 226 20.45 -32.82 25.88
C GLU A 226 20.45 -31.29 25.92
N THR A 227 19.97 -30.67 24.86
CA THR A 227 19.83 -29.18 24.75
C THR A 227 18.94 -28.70 25.91
N ALA A 228 17.71 -29.23 26.02
CA ALA A 228 16.79 -28.91 27.14
C ALA A 228 17.49 -29.08 28.51
N GLU A 229 18.20 -30.19 28.80
CA GLU A 229 18.91 -30.44 30.09
C GLU A 229 19.98 -29.35 30.24
N HIS A 230 20.78 -29.10 29.20
CA HIS A 230 21.84 -28.06 29.21
C HIS A 230 21.26 -26.69 29.58
N ILE A 231 20.24 -26.23 28.85
CA ILE A 231 19.58 -24.90 29.03
C ILE A 231 19.13 -24.75 30.48
N ALA A 232 18.52 -25.82 31.02
CA ALA A 232 17.95 -25.86 32.38
C ALA A 232 19.06 -25.62 33.41
N GLN A 233 20.28 -26.11 33.17
CA GLN A 233 21.42 -26.00 34.12
C GLN A 233 22.11 -24.64 33.96
N GLY A 234 21.77 -23.85 32.95
CA GLY A 234 22.42 -22.54 32.68
C GLY A 234 23.48 -22.61 31.56
N LEU A 235 23.65 -23.74 30.87
CA LEU A 235 24.54 -23.76 29.66
C LEU A 235 23.92 -22.81 28.61
N ARG A 236 24.79 -22.13 27.86
CA ARG A 236 24.40 -21.20 26.79
C ARG A 236 25.24 -21.50 25.56
N LEU A 237 24.73 -21.07 24.41
CA LEU A 237 25.50 -20.99 23.17
C LEU A 237 26.69 -20.07 23.40
N TYR A 238 27.83 -20.44 22.87
N TYR A 238 27.79 -20.51 22.78
CA TYR A 238 29.03 -19.61 23.07
CA TYR A 238 29.16 -19.91 22.77
C TYR A 238 29.31 -18.87 21.77
C TYR A 238 29.21 -18.78 21.74
N ARG A 239 30.22 -17.90 21.89
CA ARG A 239 30.44 -16.79 20.95
C ARG A 239 30.90 -17.35 19.61
N PRO A 240 30.15 -17.09 18.52
CA PRO A 240 30.65 -17.42 17.20
C PRO A 240 31.94 -16.61 16.90
N HIS A 241 32.86 -17.25 16.19
CA HIS A 241 34.11 -16.65 15.67
C HIS A 241 33.89 -15.26 15.08
N LEU A 242 32.88 -15.09 14.20
CA LEU A 242 32.65 -13.81 13.53
C LEU A 242 31.99 -12.75 14.41
N ALA A 243 31.42 -13.10 15.56
CA ALA A 243 30.77 -12.10 16.44
C ALA A 243 31.85 -11.38 17.26
N SER A 244 31.81 -10.06 17.22
CA SER A 244 32.57 -9.23 18.14
C SER A 244 32.06 -9.43 19.56
N GLU A 245 32.85 -8.98 20.52
CA GLU A 245 32.39 -9.01 21.94
C GLU A 245 31.03 -8.24 22.00
N LYS A 246 30.90 -7.07 21.35
CA LYS A 246 29.67 -6.26 21.51
C LYS A 246 28.47 -6.99 20.90
N VAL A 247 28.65 -7.60 19.72
CA VAL A 247 27.56 -8.39 19.06
C VAL A 247 27.16 -9.52 20.00
N TYR A 248 28.11 -10.29 20.50
CA TYR A 248 27.87 -11.42 21.46
C TYR A 248 27.07 -10.95 22.67
N THR A 249 27.41 -9.80 23.27
CA THR A 249 26.68 -9.21 24.40
C THR A 249 25.19 -9.05 24.04
N ILE A 250 24.88 -8.62 22.81
CA ILE A 250 23.45 -8.45 22.36
C ILE A 250 22.77 -9.82 22.32
N MET A 251 23.35 -10.83 21.66
CA MET A 251 22.66 -12.15 21.53
C MET A 251 22.53 -12.77 22.91
N TYR A 252 23.51 -12.59 23.78
CA TYR A 252 23.52 -13.25 25.11
C TYR A 252 22.45 -12.58 25.99
N SER A 253 22.24 -11.28 25.87
CA SER A 253 21.18 -10.54 26.61
C SER A 253 19.80 -11.17 26.36
N CYS A 254 19.61 -11.84 25.24
CA CYS A 254 18.31 -12.52 24.91
C CYS A 254 18.11 -13.78 25.72
N TRP A 255 19.15 -14.26 26.41
CA TRP A 255 19.11 -15.60 27.02
C TRP A 255 19.08 -15.53 28.54
N HIS A 256 18.70 -14.39 29.13
CA HIS A 256 18.56 -14.36 30.60
C HIS A 256 17.59 -15.46 31.06
N GLU A 257 18.00 -16.22 32.07
CA GLU A 257 17.10 -17.17 32.76
C GLU A 257 15.72 -16.55 33.06
N LYS A 258 15.70 -15.34 33.61
CA LYS A 258 14.49 -14.57 33.93
C LYS A 258 14.02 -13.84 32.67
N ALA A 259 12.86 -14.25 32.17
CA ALA A 259 12.18 -13.62 31.03
C ALA A 259 12.13 -12.11 31.21
N ASP A 260 11.78 -11.60 32.40
CA ASP A 260 11.58 -10.13 32.54
C ASP A 260 12.92 -9.39 32.53
N GLU A 261 14.06 -10.10 32.53
CA GLU A 261 15.39 -9.47 32.45
C GLU A 261 15.87 -9.38 31.00
N ARG A 262 15.11 -9.97 30.07
CA ARG A 262 15.41 -9.96 28.62
C ARG A 262 14.97 -8.61 28.06
N PRO A 263 15.70 -8.06 27.06
CA PRO A 263 15.34 -6.78 26.43
C PRO A 263 14.02 -6.88 25.66
N THR A 264 13.44 -5.74 25.28
CA THR A 264 12.39 -5.65 24.22
C THR A 264 13.06 -5.67 22.84
N PHE A 265 12.29 -5.79 21.76
CA PHE A 265 12.86 -5.62 20.42
C PHE A 265 13.24 -4.16 20.17
N LYS A 266 12.59 -3.19 20.81
CA LYS A 266 12.99 -1.76 20.67
C LYS A 266 14.41 -1.62 21.20
N ILE A 267 14.67 -2.22 22.34
CA ILE A 267 16.03 -2.04 22.97
C ILE A 267 17.07 -2.79 22.14
N LEU A 268 16.76 -4.01 21.68
CA LEU A 268 17.66 -4.75 20.78
C LEU A 268 17.98 -3.94 19.50
N LEU A 269 17.00 -3.32 18.85
CA LEU A 269 17.26 -2.56 17.61
C LEU A 269 18.24 -1.41 17.91
N SER A 270 18.06 -0.72 19.02
CA SER A 270 18.96 0.38 19.47
C SER A 270 20.38 -0.18 19.67
N ASN A 271 20.50 -1.35 20.31
CA ASN A 271 21.81 -1.99 20.57
C ASN A 271 22.50 -2.33 19.23
N ILE A 272 21.78 -2.94 18.29
CA ILE A 272 22.32 -3.33 16.95
C ILE A 272 22.76 -2.07 16.20
N LEU A 273 21.93 -1.03 16.17
CA LEU A 273 22.29 0.24 15.49
C LEU A 273 23.60 0.80 16.07
N ASP A 274 23.72 0.83 17.38
CA ASP A 274 24.91 1.40 18.05
C ASP A 274 26.15 0.60 17.63
N VAL A 275 26.06 -0.74 17.50
CA VAL A 275 27.23 -1.58 17.16
C VAL A 275 27.54 -1.35 15.69
N MET A 276 26.50 -1.19 14.82
CA MET A 276 26.69 -0.79 13.42
C MET A 276 27.53 0.49 13.33
N ASP A 277 27.24 1.47 14.14
CA ASP A 277 27.97 2.78 14.14
C ASP A 277 29.39 2.52 14.64
N GLU A 278 29.55 1.77 15.74
CA GLU A 278 30.89 1.49 16.34
C GLU A 278 31.73 0.54 15.46
N GLU A 279 31.06 -0.39 14.77
CA GLU A 279 31.56 -1.45 13.84
C GLU A 279 31.96 -2.75 14.55
N SER A 280 31.49 -2.99 15.77
CA SER A 280 31.75 -4.30 16.42
C SER A 280 30.88 -5.37 15.74
N TRP B 16 -5.52 5.45 9.71
CA TRP B 16 -6.59 6.43 9.30
C TRP B 16 -6.31 7.82 9.89
N GLU B 17 -6.33 7.93 11.21
CA GLU B 17 -6.16 9.22 11.91
C GLU B 17 -4.69 9.60 11.90
N ILE B 18 -4.36 10.80 11.43
CA ILE B 18 -2.97 11.33 11.43
C ILE B 18 -2.79 12.27 12.63
N ASP B 19 -1.76 12.02 13.43
CA ASP B 19 -1.39 12.97 14.51
C ASP B 19 -0.80 14.18 13.81
N PRO B 20 -1.41 15.39 13.98
CA PRO B 20 -0.88 16.58 13.31
C PRO B 20 0.55 16.92 13.75
N LYS B 21 0.92 16.55 14.98
CA LYS B 21 2.31 16.76 15.49
C LYS B 21 3.33 16.09 14.55
N ASP B 22 2.90 15.17 13.68
CA ASP B 22 3.83 14.41 12.80
C ASP B 22 4.07 15.20 11.51
N LEU B 23 3.46 16.38 11.38
CA LEU B 23 3.53 17.23 10.17
C LEU B 23 4.60 18.33 10.35
N THR B 24 5.41 18.64 9.33
CA THR B 24 6.20 19.89 9.22
C THR B 24 5.65 20.69 8.04
N PHE B 25 5.04 21.85 8.29
CA PHE B 25 4.51 22.73 7.23
C PHE B 25 5.66 23.52 6.61
N LEU B 26 5.68 23.66 5.28
CA LEU B 26 6.85 24.25 4.57
C LEU B 26 6.42 25.37 3.63
N LYS B 27 5.45 25.15 2.75
CA LYS B 27 5.04 26.21 1.79
C LYS B 27 3.55 26.09 1.52
N GLU B 28 2.94 27.24 1.18
CA GLU B 28 1.57 27.30 0.63
C GLU B 28 1.58 26.72 -0.80
N LEU B 29 0.59 25.90 -1.13
CA LEU B 29 0.35 25.41 -2.52
C LEU B 29 -0.85 26.13 -3.15
N GLY B 30 -1.87 26.43 -2.37
CA GLY B 30 -3.03 27.15 -2.94
C GLY B 30 -4.12 27.45 -1.92
N THR B 31 -4.98 28.39 -2.27
CA THR B 31 -6.14 28.79 -1.44
C THR B 31 -7.41 28.62 -2.27
N GLY B 32 -8.48 28.12 -1.64
CA GLY B 32 -9.80 28.15 -2.27
C GLY B 32 -10.90 28.54 -1.29
N GLN B 33 -12.15 28.54 -1.76
CA GLN B 33 -13.33 28.86 -0.92
C GLN B 33 -13.43 27.91 0.28
N PHE B 34 -12.99 26.65 0.14
CA PHE B 34 -13.24 25.58 1.15
C PHE B 34 -11.98 25.21 1.93
N GLY B 35 -10.78 25.59 1.48
CA GLY B 35 -9.55 25.27 2.24
C GLY B 35 -8.25 25.87 1.72
N VAL B 36 -7.19 25.67 2.50
CA VAL B 36 -5.80 26.07 2.17
C VAL B 36 -4.94 24.82 2.17
N VAL B 37 -4.18 24.63 1.11
CA VAL B 37 -3.29 23.47 1.02
C VAL B 37 -1.85 23.96 1.13
N LYS B 38 -1.14 23.32 2.02
CA LYS B 38 0.27 23.62 2.28
C LYS B 38 1.03 22.34 1.97
N TYR B 39 2.19 22.49 1.38
CA TYR B 39 3.21 21.43 1.21
C TYR B 39 3.86 21.16 2.56
N GLY B 40 4.13 19.92 2.86
CA GLY B 40 4.81 19.61 4.14
C GLY B 40 5.41 18.23 4.17
N LYS B 41 5.91 17.85 5.34
CA LYS B 41 6.54 16.53 5.58
C LYS B 41 5.74 15.77 6.62
N TRP B 42 5.63 14.45 6.49
CA TRP B 42 5.10 13.59 7.58
C TRP B 42 6.27 12.80 8.20
N ARG B 43 6.45 12.94 9.51
CA ARG B 43 7.52 12.34 10.33
C ARG B 43 8.87 12.70 9.67
N GLY B 44 9.08 14.01 9.41
CA GLY B 44 10.38 14.62 9.02
C GLY B 44 10.83 14.39 7.59
N GLN B 45 10.18 13.50 6.84
CA GLN B 45 10.75 12.71 5.71
C GLN B 45 9.84 12.67 4.45
N TYR B 46 8.53 12.37 4.58
CA TYR B 46 7.65 12.02 3.45
C TYR B 46 6.82 13.25 3.01
N ASP B 47 6.85 13.57 1.72
CA ASP B 47 6.12 14.69 1.11
C ASP B 47 4.60 14.46 1.23
N VAL B 48 3.88 15.50 1.57
CA VAL B 48 2.41 15.44 1.75
C VAL B 48 1.82 16.81 1.39
N ALA B 49 0.57 16.76 0.98
CA ALA B 49 -0.27 17.99 0.89
C ALA B 49 -1.22 18.01 2.08
N ILE B 50 -1.27 19.13 2.79
CA ILE B 50 -2.14 19.25 4.00
C ILE B 50 -3.27 20.20 3.66
N LYS B 51 -4.48 19.66 3.60
CA LYS B 51 -5.70 20.41 3.19
C LYS B 51 -6.38 20.89 4.46
N MET B 52 -6.17 22.16 4.77
CA MET B 52 -6.71 22.81 6.00
C MET B 52 -8.09 23.38 5.69
N ILE B 53 -9.14 22.71 6.17
CA ILE B 53 -10.55 23.06 5.81
C ILE B 53 -10.88 24.41 6.47
N LYS B 54 -11.55 25.31 5.75
CA LYS B 54 -11.95 26.61 6.36
C LYS B 54 -13.10 26.35 7.35
N GLU B 55 -13.06 27.02 8.50
CA GLU B 55 -14.19 26.98 9.48
C GLU B 55 -15.51 27.28 8.74
N GLY B 56 -16.56 26.50 9.02
CA GLY B 56 -17.93 26.72 8.54
C GLY B 56 -18.14 26.35 7.07
N SER B 57 -17.14 25.80 6.40
CA SER B 57 -17.21 25.55 4.93
C SER B 57 -17.80 24.16 4.65
N MET B 58 -17.75 23.26 5.63
CA MET B 58 -17.85 21.81 5.36
C MET B 58 -18.74 21.13 6.41
N SER B 59 -19.56 20.16 5.99
CA SER B 59 -20.26 19.22 6.92
C SER B 59 -19.24 18.21 7.49
N GLU B 60 -18.47 18.61 8.52
CA GLU B 60 -17.26 17.85 8.98
C GLU B 60 -17.64 16.49 9.60
N ASP B 61 -18.74 16.43 10.33
CA ASP B 61 -19.18 15.18 10.97
C ASP B 61 -19.55 14.17 9.86
N GLU B 62 -20.26 14.60 8.83
CA GLU B 62 -20.59 13.70 7.69
C GLU B 62 -19.32 13.25 6.95
N PHE B 63 -18.38 14.16 6.69
CA PHE B 63 -17.17 13.81 5.95
C PHE B 63 -16.41 12.72 6.70
N ILE B 64 -16.30 12.84 8.03
CA ILE B 64 -15.50 11.89 8.85
C ILE B 64 -16.01 10.47 8.64
N GLU B 65 -17.34 10.23 8.68
CA GLU B 65 -17.97 8.92 8.37
C GLU B 65 -17.65 8.53 6.92
N GLU B 66 -17.50 9.49 5.99
CA GLU B 66 -17.17 9.18 4.57
C GLU B 66 -15.72 8.75 4.42
N ALA B 67 -14.80 9.42 5.12
CA ALA B 67 -13.34 9.27 4.92
C ALA B 67 -12.97 7.80 5.07
N LYS B 68 -13.85 6.98 5.66
CA LYS B 68 -13.64 5.51 5.81
C LYS B 68 -13.78 4.80 4.45
N VAL B 69 -14.82 5.10 3.67
CA VAL B 69 -14.99 4.57 2.28
C VAL B 69 -13.88 5.16 1.40
N MET B 70 -13.51 6.41 1.65
CA MET B 70 -12.49 7.11 0.82
C MET B 70 -11.09 6.57 1.14
N MET B 71 -10.82 6.17 2.38
CA MET B 71 -9.49 5.61 2.75
C MET B 71 -9.25 4.30 1.98
N ASN B 72 -10.31 3.63 1.55
CA ASN B 72 -10.21 2.35 0.78
C ASN B 72 -10.29 2.57 -0.76
N LEU B 73 -10.35 3.80 -1.26
CA LEU B 73 -10.22 4.09 -2.72
C LEU B 73 -8.75 4.35 -3.02
N SER B 74 -8.19 3.46 -3.81
CA SER B 74 -6.74 3.47 -4.08
C SER B 74 -6.49 3.15 -5.55
N HIS B 75 -5.84 4.04 -6.27
CA HIS B 75 -5.52 3.83 -7.70
C HIS B 75 -4.33 4.71 -8.10
N GLU B 76 -3.47 4.23 -8.99
CA GLU B 76 -2.26 5.02 -9.36
C GLU B 76 -2.66 6.39 -9.92
N LYS B 77 -3.85 6.55 -10.49
CA LYS B 77 -4.28 7.81 -11.16
C LYS B 77 -5.29 8.61 -10.29
N LEU B 78 -5.51 8.23 -9.07
CA LEU B 78 -6.35 8.90 -8.07
C LEU B 78 -5.40 9.54 -7.05
N VAL B 79 -5.52 10.82 -6.76
CA VAL B 79 -4.73 11.41 -5.65
C VAL B 79 -4.97 10.61 -4.34
N GLN B 80 -3.89 10.02 -3.77
CA GLN B 80 -3.97 9.15 -2.57
C GLN B 80 -4.35 9.95 -1.33
N LEU B 81 -5.41 9.53 -0.65
CA LEU B 81 -5.69 9.94 0.76
C LEU B 81 -4.72 9.21 1.69
N TYR B 82 -4.05 9.96 2.55
CA TYR B 82 -3.11 9.42 3.57
C TYR B 82 -3.77 9.31 4.95
N GLY B 83 -4.55 10.33 5.32
CA GLY B 83 -5.44 10.31 6.47
C GLY B 83 -6.04 11.68 6.74
N VAL B 84 -6.63 11.81 7.91
CA VAL B 84 -7.34 13.06 8.35
C VAL B 84 -6.90 13.39 9.79
N CYS B 85 -6.92 14.66 10.14
CA CYS B 85 -6.70 15.21 11.49
C CYS B 85 -8.05 15.78 11.99
N THR B 86 -8.76 15.04 12.85
CA THR B 86 -10.19 15.31 13.18
C THR B 86 -10.42 15.57 14.67
N LYS B 87 -9.41 15.73 15.47
CA LYS B 87 -9.46 16.13 16.92
C LYS B 87 -9.38 17.66 17.01
N GLN B 88 -9.44 18.35 15.87
CA GLN B 88 -9.55 19.82 15.82
C GLN B 88 -10.86 20.19 15.10
N ARG B 89 -11.16 21.48 15.04
CA ARG B 89 -12.06 22.13 14.06
C ARG B 89 -11.44 23.49 13.72
N ILE B 91 -9.45 20.99 11.33
CA ILE B 91 -9.70 19.72 10.56
C ILE B 91 -8.86 19.70 9.27
N PHE B 92 -7.98 18.69 9.14
CA PHE B 92 -7.01 18.58 8.01
C PHE B 92 -7.28 17.31 7.22
N ILE B 93 -7.14 17.41 5.89
CA ILE B 93 -7.08 16.23 5.00
C ILE B 93 -5.67 16.15 4.44
N ILE B 94 -5.00 15.03 4.70
CA ILE B 94 -3.61 14.80 4.24
C ILE B 94 -3.60 13.90 2.99
N THR B 95 -3.03 14.42 1.89
CA THR B 95 -3.05 13.71 0.59
C THR B 95 -1.67 13.68 -0.06
N GLU B 96 -1.62 12.89 -1.12
CA GLU B 96 -0.50 12.80 -2.10
C GLU B 96 -0.13 14.22 -2.55
N TYR B 97 1.17 14.46 -2.57
CA TYR B 97 1.74 15.74 -3.01
C TYR B 97 2.01 15.62 -4.50
N MET B 98 1.54 16.60 -5.23
CA MET B 98 1.62 16.62 -6.72
C MET B 98 2.41 17.84 -7.17
N ALA B 99 3.68 17.69 -7.45
CA ALA B 99 4.61 18.82 -7.55
C ALA B 99 4.24 19.80 -8.67
N ASN B 100 3.59 19.37 -9.76
CA ASN B 100 3.28 20.30 -10.88
C ASN B 100 1.91 20.96 -10.74
N GLY B 101 1.21 20.73 -9.63
CA GLY B 101 0.02 21.51 -9.25
C GLY B 101 -1.22 21.21 -10.11
N CYS B 102 -2.07 22.21 -10.20
CA CYS B 102 -3.40 22.13 -10.83
C CYS B 102 -3.27 21.84 -12.37
N LEU B 103 -3.98 20.86 -12.93
CA LEU B 103 -3.93 20.58 -14.38
C LEU B 103 -4.31 21.84 -15.19
N LEU B 104 -5.35 22.56 -14.80
CA LEU B 104 -5.80 23.71 -15.61
C LEU B 104 -4.65 24.71 -15.80
N ASN B 105 -3.94 25.06 -14.72
CA ASN B 105 -2.77 25.96 -14.81
C ASN B 105 -1.72 25.32 -15.72
N TYR B 106 -1.44 24.03 -15.54
CA TYR B 106 -0.39 23.30 -16.29
C TYR B 106 -0.68 23.38 -17.82
N LEU B 107 -1.94 23.25 -18.18
CA LEU B 107 -2.38 23.30 -19.60
C LEU B 107 -2.19 24.70 -20.16
N ARG B 108 -2.33 25.72 -19.32
CA ARG B 108 -2.25 27.14 -19.77
C ARG B 108 -0.79 27.60 -19.84
N GLU B 109 0.16 26.91 -19.21
CA GLU B 109 1.60 27.15 -19.32
C GLU B 109 2.07 26.79 -20.74
N MET B 110 2.21 27.79 -21.59
CA MET B 110 2.56 27.59 -23.03
C MET B 110 3.99 27.02 -23.20
N ARG B 111 4.84 27.12 -22.20
CA ARG B 111 6.25 26.68 -22.32
C ARG B 111 6.33 25.17 -22.51
N HIS B 112 5.38 24.43 -22.01
CA HIS B 112 5.36 22.94 -22.24
C HIS B 112 5.34 22.58 -23.75
N ARG B 113 4.73 23.41 -24.63
CA ARG B 113 4.67 23.16 -26.10
C ARG B 113 4.26 21.69 -26.27
N PHE B 114 3.08 21.36 -25.75
CA PHE B 114 2.66 19.94 -25.69
C PHE B 114 2.51 19.40 -27.11
N GLN B 115 2.89 18.13 -27.27
CA GLN B 115 2.51 17.26 -28.41
C GLN B 115 1.14 16.67 -28.09
N THR B 116 0.37 16.34 -29.12
CA THR B 116 -0.95 15.69 -28.98
C THR B 116 -0.78 14.34 -28.29
N GLN B 117 0.36 13.64 -28.40
CA GLN B 117 0.50 12.33 -27.71
C GLN B 117 0.43 12.58 -26.20
N GLN B 118 1.03 13.68 -25.71
CA GLN B 118 1.06 14.04 -24.29
C GLN B 118 -0.36 14.35 -23.85
N LEU B 119 -1.14 15.13 -24.65
CA LEU B 119 -2.51 15.51 -24.29
C LEU B 119 -3.38 14.24 -24.23
N LEU B 120 -3.17 13.29 -25.15
CA LEU B 120 -3.97 12.04 -25.16
C LEU B 120 -3.65 11.19 -23.91
N GLU B 121 -2.40 11.17 -23.48
CA GLU B 121 -1.93 10.51 -22.23
C GLU B 121 -2.62 11.11 -21.00
N MET B 122 -2.71 12.43 -20.90
CA MET B 122 -3.44 13.13 -19.84
C MET B 122 -4.88 12.60 -19.78
N CYS B 123 -5.59 12.56 -20.88
CA CYS B 123 -7.00 12.04 -20.97
C CYS B 123 -7.06 10.60 -20.46
N LYS B 124 -6.14 9.76 -20.93
CA LYS B 124 -5.99 8.35 -20.49
C LYS B 124 -5.75 8.27 -18.96
N ASP B 125 -4.88 9.10 -18.40
CA ASP B 125 -4.62 9.10 -16.94
C ASP B 125 -5.93 9.29 -16.22
N VAL B 126 -6.67 10.35 -16.60
CA VAL B 126 -7.93 10.71 -15.96
C VAL B 126 -8.93 9.54 -16.18
N CYS B 127 -9.08 9.04 -17.40
CA CYS B 127 -10.04 8.00 -17.76
C CYS B 127 -9.79 6.70 -16.96
N GLU B 128 -8.53 6.32 -16.72
CA GLU B 128 -8.18 5.20 -15.83
C GLU B 128 -8.72 5.44 -14.39
N ALA B 129 -8.46 6.60 -13.80
CA ALA B 129 -9.00 6.99 -12.49
C ALA B 129 -10.52 6.87 -12.49
N MET B 130 -11.17 7.42 -13.50
CA MET B 130 -12.65 7.45 -13.53
C MET B 130 -13.23 6.03 -13.79
N GLU B 131 -12.58 5.18 -14.55
CA GLU B 131 -12.99 3.74 -14.70
C GLU B 131 -12.94 3.03 -13.35
N TYR B 132 -11.88 3.27 -12.57
CA TYR B 132 -11.72 2.75 -11.20
C TYR B 132 -12.85 3.26 -10.28
N LEU B 133 -13.09 4.58 -10.23
CA LEU B 133 -14.22 5.16 -9.46
C LEU B 133 -15.52 4.51 -9.94
N GLU B 134 -15.73 4.38 -11.24
CA GLU B 134 -16.97 3.76 -11.79
C GLU B 134 -17.10 2.32 -11.31
N SER B 135 -15.99 1.58 -11.31
CA SER B 135 -15.88 0.19 -10.81
C SER B 135 -16.43 0.14 -9.38
N LYS B 136 -16.27 1.20 -8.59
CA LYS B 136 -16.66 1.21 -7.15
C LYS B 136 -17.95 2.01 -6.97
N GLN B 137 -18.66 2.31 -8.06
CA GLN B 137 -19.96 3.04 -8.10
C GLN B 137 -19.80 4.36 -7.30
N PHE B 138 -18.64 4.99 -7.39
CA PHE B 138 -18.34 6.24 -6.66
C PHE B 138 -18.32 7.36 -7.68
N LEU B 139 -19.22 8.34 -7.55
CA LEU B 139 -19.20 9.52 -8.40
C LEU B 139 -18.14 10.55 -7.94
N HIS B 140 -17.55 11.22 -8.90
CA HIS B 140 -16.74 12.40 -8.63
C HIS B 140 -17.66 13.55 -8.22
N ARG B 141 -18.57 13.90 -9.13
CA ARG B 141 -19.58 15.00 -9.07
C ARG B 141 -18.97 16.38 -9.37
N ASP B 142 -17.64 16.54 -9.39
CA ASP B 142 -17.08 17.86 -9.81
C ASP B 142 -15.85 17.70 -10.72
N LEU B 143 -15.94 16.78 -11.65
CA LEU B 143 -14.82 16.46 -12.55
C LEU B 143 -14.58 17.61 -13.55
N ALA B 144 -13.34 18.05 -13.56
CA ALA B 144 -12.90 19.21 -14.34
C ALA B 144 -11.39 19.35 -14.16
N ALA B 145 -10.73 19.96 -15.15
CA ALA B 145 -9.28 20.20 -15.14
C ALA B 145 -8.84 20.91 -13.84
N ARG B 146 -9.62 21.88 -13.33
CA ARG B 146 -9.28 22.61 -12.07
C ARG B 146 -9.20 21.64 -10.88
N ASN B 147 -9.77 20.43 -10.98
CA ASN B 147 -9.78 19.41 -9.87
C ASN B 147 -8.92 18.20 -10.23
N CYS B 148 -7.94 18.35 -11.11
CA CYS B 148 -6.92 17.31 -11.37
C CYS B 148 -5.56 17.94 -11.06
N LEU B 149 -4.59 17.10 -10.78
CA LEU B 149 -3.26 17.55 -10.35
C LEU B 149 -2.23 16.78 -11.15
N VAL B 150 -1.03 17.34 -11.16
CA VAL B 150 0.02 16.82 -12.05
C VAL B 150 1.22 16.56 -11.16
N ASN B 151 1.79 15.37 -11.26
CA ASN B 151 2.94 15.06 -10.39
C ASN B 151 4.27 15.39 -11.07
N ASP B 152 5.35 15.04 -10.39
CA ASP B 152 6.72 15.44 -10.83
C ASP B 152 7.07 14.75 -12.13
N GLN B 153 6.35 13.68 -12.49
CA GLN B 153 6.59 12.89 -13.72
C GLN B 153 5.62 13.25 -14.84
N GLY B 154 4.83 14.31 -14.68
CA GLY B 154 3.82 14.73 -15.66
C GLY B 154 2.60 13.82 -15.68
N VAL B 155 2.39 12.96 -14.68
CA VAL B 155 1.21 12.07 -14.55
C VAL B 155 0.05 12.89 -13.97
N VAL B 156 -1.10 12.82 -14.62
CA VAL B 156 -2.32 13.51 -14.14
C VAL B 156 -3.09 12.55 -13.24
N LYS B 157 -3.54 13.06 -12.14
CA LYS B 157 -4.42 12.31 -11.23
C LYS B 157 -5.63 13.14 -10.83
N VAL B 158 -6.71 12.42 -10.57
CA VAL B 158 -8.03 12.97 -10.18
C VAL B 158 -8.04 13.22 -8.67
N SER B 159 -8.39 14.44 -8.28
CA SER B 159 -8.44 14.92 -6.90
C SER B 159 -9.83 15.43 -6.53
N ASP B 160 -10.08 15.52 -5.20
CA ASP B 160 -11.27 16.13 -4.56
C ASP B 160 -12.52 15.40 -5.06
N PHE B 161 -12.40 14.12 -5.41
CA PHE B 161 -13.58 13.27 -5.76
C PHE B 161 -14.47 13.11 -4.52
N GLY B 162 -15.82 13.27 -4.67
CA GLY B 162 -16.72 13.01 -3.52
C GLY B 162 -16.89 14.21 -2.60
N LEU B 163 -15.97 15.17 -2.53
CA LEU B 163 -15.92 16.16 -1.44
C LEU B 163 -17.03 17.21 -1.58
N SER B 164 -17.64 17.38 -2.74
CA SER B 164 -18.68 18.43 -2.91
C SER B 164 -19.93 18.12 -2.10
N ARG B 165 -20.13 16.85 -1.77
CA ARG B 165 -21.27 16.38 -0.90
C ARG B 165 -21.23 17.01 0.50
N TYR B 166 -20.07 17.53 0.97
CA TYR B 166 -19.91 18.10 2.32
C TYR B 166 -19.87 19.63 2.24
N VAL B 167 -20.06 20.22 1.06
CA VAL B 167 -19.92 21.71 0.92
C VAL B 167 -21.19 22.41 1.43
N LEU B 168 -21.08 23.39 2.35
CA LEU B 168 -22.28 24.02 2.99
C LEU B 168 -22.80 25.22 2.20
N ASP B 169 -22.04 25.78 1.26
CA ASP B 169 -22.48 26.97 0.47
C ASP B 169 -23.42 26.50 -0.65
N ASP B 170 -24.70 26.89 -0.61
CA ASP B 170 -25.71 26.42 -1.62
C ASP B 170 -25.39 27.00 -3.00
N GLU B 171 -24.63 28.10 -3.06
CA GLU B 171 -24.20 28.71 -4.35
C GLU B 171 -23.35 27.70 -5.12
N TYR B 172 -22.63 26.80 -4.43
CA TYR B 172 -21.83 25.72 -5.08
C TYR B 172 -22.66 24.44 -5.33
N THR B 173 -23.60 24.13 -4.44
CA THR B 173 -24.25 22.80 -4.25
C THR B 173 -25.35 22.58 -5.29
N SER B 174 -26.26 23.55 -5.45
CA SER B 174 -27.47 23.42 -6.30
C SER B 174 -27.24 23.91 -7.75
N SER B 175 -27.94 23.26 -8.68
CA SER B 175 -27.91 23.52 -10.13
C SER B 175 -28.17 25.00 -10.42
N VAL B 176 -28.99 25.66 -9.59
CA VAL B 176 -29.37 27.09 -9.79
C VAL B 176 -28.34 27.97 -9.09
N GLY B 177 -27.38 27.36 -8.37
CA GLY B 177 -26.38 28.08 -7.58
C GLY B 177 -25.46 28.84 -8.50
N SER B 178 -24.90 29.95 -8.02
CA SER B 178 -24.06 30.87 -8.82
C SER B 178 -22.62 30.36 -8.95
N LYS B 179 -22.18 29.41 -8.12
CA LYS B 179 -20.82 28.79 -8.25
C LYS B 179 -20.89 27.33 -8.67
N PHE B 180 -22.06 26.88 -9.16
CA PHE B 180 -22.29 25.48 -9.58
C PHE B 180 -21.53 25.22 -10.89
N PRO B 181 -20.94 24.01 -11.10
CA PRO B 181 -20.22 23.69 -12.32
C PRO B 181 -21.14 23.52 -13.54
N VAL B 182 -21.79 24.59 -13.95
CA VAL B 182 -22.75 24.55 -15.09
C VAL B 182 -22.08 24.02 -16.37
N ARG B 183 -20.89 24.50 -16.72
CA ARG B 183 -20.24 24.20 -18.01
C ARG B 183 -19.73 22.74 -18.00
N TRP B 184 -19.75 22.03 -16.86
CA TRP B 184 -19.35 20.61 -16.76
C TRP B 184 -20.57 19.69 -16.59
N SER B 185 -21.81 20.22 -16.78
CA SER B 185 -23.03 19.48 -16.41
C SER B 185 -23.90 19.13 -17.62
N PRO B 186 -24.47 17.90 -17.69
CA PRO B 186 -25.38 17.54 -18.78
C PRO B 186 -26.76 18.19 -18.64
N PRO B 187 -27.61 18.11 -19.68
CA PRO B 187 -28.92 18.76 -19.60
C PRO B 187 -29.74 18.29 -18.41
N GLU B 188 -29.73 16.97 -18.13
CA GLU B 188 -30.56 16.39 -17.05
C GLU B 188 -30.11 16.86 -15.65
N VAL B 189 -28.84 17.23 -15.46
CA VAL B 189 -28.46 17.91 -14.19
C VAL B 189 -29.02 19.34 -14.15
N LEU B 190 -28.90 20.07 -15.24
CA LEU B 190 -29.25 21.51 -15.26
C LEU B 190 -30.77 21.65 -15.19
N MET B 191 -31.53 20.68 -15.69
CA MET B 191 -33.01 20.80 -15.77
C MET B 191 -33.62 20.18 -14.50
N TYR B 192 -33.07 19.04 -14.05
CA TYR B 192 -33.79 18.16 -13.10
C TYR B 192 -32.92 17.75 -11.88
N SER B 193 -31.66 18.19 -11.75
CA SER B 193 -30.72 17.65 -10.73
C SER B 193 -30.65 16.09 -10.78
N LYS B 194 -30.55 15.49 -11.96
CA LYS B 194 -30.43 14.02 -12.13
C LYS B 194 -28.93 13.71 -12.28
N PHE B 195 -28.28 13.45 -11.19
CA PHE B 195 -26.84 13.04 -11.20
C PHE B 195 -26.79 11.54 -11.38
N SER B 196 -25.77 11.12 -12.09
CA SER B 196 -25.48 9.68 -12.31
C SER B 196 -24.01 9.48 -12.73
N SER B 197 -23.67 8.25 -13.07
CA SER B 197 -22.40 7.89 -13.72
C SER B 197 -22.33 8.72 -15.02
N LYS B 198 -23.46 8.90 -15.72
CA LYS B 198 -23.45 9.57 -17.04
C LYS B 198 -23.25 11.09 -16.90
N SER B 199 -23.43 11.67 -15.71
CA SER B 199 -23.10 13.10 -15.49
C SER B 199 -21.61 13.22 -15.24
N ASP B 200 -20.97 12.16 -14.70
CA ASP B 200 -19.50 12.17 -14.65
C ASP B 200 -19.00 12.03 -16.08
N ILE B 201 -19.64 11.16 -16.90
CA ILE B 201 -19.25 10.95 -18.31
C ILE B 201 -19.21 12.27 -19.01
N TRP B 202 -20.28 13.04 -18.88
CA TRP B 202 -20.40 14.31 -19.60
C TRP B 202 -19.23 15.24 -19.25
N ALA B 203 -19.00 15.41 -17.93
CA ALA B 203 -17.90 16.20 -17.31
C ALA B 203 -16.54 15.72 -17.88
N PHE B 204 -16.31 14.44 -18.01
CA PHE B 204 -15.08 13.90 -18.59
C PHE B 204 -14.90 14.42 -20.02
N GLY B 205 -15.96 14.37 -20.85
CA GLY B 205 -15.87 14.91 -22.22
C GLY B 205 -15.44 16.37 -22.20
N VAL B 206 -16.04 17.15 -21.29
CA VAL B 206 -15.70 18.58 -21.15
C VAL B 206 -14.24 18.68 -20.66
N LEU B 207 -13.78 17.81 -19.77
CA LEU B 207 -12.30 17.80 -19.42
C LEU B 207 -11.38 17.52 -20.64
N MET B 208 -11.69 16.53 -21.44
CA MET B 208 -11.00 16.22 -22.71
C MET B 208 -10.87 17.48 -23.55
N TRP B 209 -11.97 18.24 -23.69
CA TRP B 209 -12.06 19.53 -24.38
C TRP B 209 -11.11 20.55 -23.72
N GLU B 210 -11.12 20.66 -22.43
CA GLU B 210 -10.20 21.56 -21.69
C GLU B 210 -8.73 21.18 -22.01
N ILE B 211 -8.40 19.88 -22.06
CA ILE B 211 -7.01 19.41 -22.35
C ILE B 211 -6.63 19.80 -23.77
N TYR B 212 -7.43 19.43 -24.78
CA TYR B 212 -7.06 19.70 -26.18
C TYR B 212 -7.10 21.21 -26.44
N SER B 213 -7.85 22.01 -25.69
CA SER B 213 -7.95 23.47 -25.89
CA SER B 213 -7.94 23.47 -25.90
C SER B 213 -6.83 24.20 -25.14
N LEU B 214 -5.93 23.45 -24.50
CA LEU B 214 -4.87 24.03 -23.61
C LEU B 214 -5.48 24.96 -22.55
N GLY B 215 -6.55 24.51 -21.87
CA GLY B 215 -7.08 25.16 -20.68
C GLY B 215 -8.01 26.32 -21.03
N LYS B 216 -8.55 26.43 -22.26
CA LYS B 216 -9.63 27.40 -22.53
C LYS B 216 -10.80 27.11 -21.60
N MET B 217 -11.53 28.15 -21.27
CA MET B 217 -12.81 28.04 -20.55
C MET B 217 -13.87 27.44 -21.47
N PRO B 218 -14.58 26.37 -21.07
CA PRO B 218 -15.63 25.82 -21.93
C PRO B 218 -16.72 26.89 -22.15
N TYR B 219 -17.21 27.02 -23.39
CA TYR B 219 -18.26 28.03 -23.76
C TYR B 219 -17.74 29.41 -23.41
N GLU B 220 -16.48 29.67 -23.82
CA GLU B 220 -15.68 30.82 -23.42
C GLU B 220 -16.44 32.15 -23.52
N ARG B 221 -17.19 32.37 -24.60
CA ARG B 221 -17.89 33.64 -24.87
C ARG B 221 -19.26 33.75 -24.20
N PHE B 222 -19.71 32.73 -23.47
CA PHE B 222 -21.07 32.70 -22.86
C PHE B 222 -20.97 32.78 -21.33
N THR B 223 -21.99 33.35 -20.74
CA THR B 223 -22.35 33.23 -19.31
C THR B 223 -22.80 31.79 -19.03
N ASN B 224 -22.82 31.44 -17.76
CA ASN B 224 -23.42 30.18 -17.27
C ASN B 224 -24.90 30.06 -17.78
N SER B 225 -25.70 31.11 -17.62
CA SER B 225 -27.12 31.13 -18.08
C SER B 225 -27.17 30.77 -19.55
N GLU B 226 -26.35 31.45 -20.34
CA GLU B 226 -26.34 31.29 -21.82
C GLU B 226 -25.92 29.86 -22.14
N THR B 227 -24.98 29.27 -21.38
CA THR B 227 -24.46 27.93 -21.68
C THR B 227 -25.60 26.94 -21.43
N ALA B 228 -26.32 27.09 -20.32
CA ALA B 228 -27.44 26.22 -19.96
C ALA B 228 -28.47 26.29 -21.09
N GLU B 229 -28.83 27.48 -21.56
CA GLU B 229 -29.85 27.59 -22.65
C GLU B 229 -29.32 26.94 -23.94
N HIS B 230 -28.09 27.24 -24.35
CA HIS B 230 -27.49 26.65 -25.57
C HIS B 230 -27.45 25.11 -25.45
N ILE B 231 -27.06 24.57 -24.30
CA ILE B 231 -27.06 23.09 -24.07
C ILE B 231 -28.44 22.49 -24.30
N ALA B 232 -29.50 23.17 -23.85
CA ALA B 232 -30.88 22.61 -23.88
C ALA B 232 -31.44 22.70 -25.31
N GLN B 233 -30.91 23.60 -26.12
CA GLN B 233 -31.20 23.68 -27.57
C GLN B 233 -30.32 22.71 -28.37
N GLY B 234 -29.43 21.95 -27.76
CA GLY B 234 -28.59 20.97 -28.51
C GLY B 234 -27.22 21.49 -28.92
N LEU B 235 -26.78 22.69 -28.52
CA LEU B 235 -25.46 23.22 -28.93
C LEU B 235 -24.43 22.40 -28.13
N ARG B 236 -23.27 22.20 -28.72
CA ARG B 236 -22.13 21.50 -28.10
C ARG B 236 -20.84 22.27 -28.35
N LEU B 237 -19.84 21.91 -27.57
CA LEU B 237 -18.49 22.49 -27.72
C LEU B 237 -17.97 22.05 -29.08
N TYR B 238 -17.24 22.87 -29.77
N TYR B 238 -17.16 22.94 -29.66
CA TYR B 238 -16.77 22.39 -31.09
CA TYR B 238 -16.48 22.83 -30.98
C TYR B 238 -15.27 22.04 -30.96
C TYR B 238 -15.26 21.90 -30.86
N ARG B 239 -14.77 21.39 -32.00
CA ARG B 239 -13.52 20.62 -32.02
C ARG B 239 -12.35 21.54 -31.71
N PRO B 240 -11.56 21.20 -30.67
CA PRO B 240 -10.36 21.99 -30.40
C PRO B 240 -9.43 21.79 -31.60
N HIS B 241 -8.69 22.80 -31.95
CA HIS B 241 -7.69 22.75 -33.06
C HIS B 241 -6.73 21.55 -32.91
N LEU B 242 -6.35 21.17 -31.70
CA LEU B 242 -5.34 20.09 -31.55
C LEU B 242 -5.97 18.71 -31.57
N ALA B 243 -7.30 18.61 -31.56
CA ALA B 243 -7.98 17.29 -31.57
C ALA B 243 -8.11 16.76 -33.01
N SER B 244 -7.66 15.54 -33.27
CA SER B 244 -8.01 14.83 -34.52
C SER B 244 -9.53 14.58 -34.57
N GLU B 245 -10.05 14.23 -35.76
CA GLU B 245 -11.48 13.80 -35.88
C GLU B 245 -11.76 12.67 -34.85
N LYS B 246 -10.88 11.71 -34.72
CA LYS B 246 -11.02 10.54 -33.83
C LYS B 246 -11.09 10.98 -32.37
N VAL B 247 -10.18 11.86 -31.94
CA VAL B 247 -10.20 12.41 -30.58
C VAL B 247 -11.49 13.20 -30.37
N TYR B 248 -11.97 13.93 -31.39
CA TYR B 248 -13.18 14.75 -31.21
C TYR B 248 -14.38 13.80 -31.07
N THR B 249 -14.39 12.68 -31.84
CA THR B 249 -15.44 11.64 -31.74
C THR B 249 -15.58 11.21 -30.28
N ILE B 250 -14.48 10.92 -29.60
CA ILE B 250 -14.52 10.45 -28.20
C ILE B 250 -15.18 11.49 -27.32
N MET B 251 -14.65 12.71 -27.26
CA MET B 251 -15.22 13.72 -26.35
C MET B 251 -16.68 13.93 -26.72
N TYR B 252 -17.00 13.99 -28.00
CA TYR B 252 -18.38 14.23 -28.49
C TYR B 252 -19.32 13.11 -28.02
N SER B 253 -18.89 11.85 -27.99
CA SER B 253 -19.67 10.69 -27.50
C SER B 253 -20.15 10.95 -26.05
N CYS B 254 -19.43 11.77 -25.24
CA CYS B 254 -19.76 12.03 -23.81
C CYS B 254 -20.98 12.98 -23.73
N TRP B 255 -21.43 13.56 -24.85
CA TRP B 255 -22.42 14.66 -24.80
C TRP B 255 -23.75 14.25 -25.42
N HIS B 256 -24.04 12.96 -25.58
CA HIS B 256 -25.36 12.58 -26.16
C HIS B 256 -26.41 13.18 -25.26
N GLU B 257 -27.43 13.74 -25.89
CA GLU B 257 -28.60 14.26 -25.19
C GLU B 257 -29.13 13.18 -24.23
N LYS B 258 -29.27 11.95 -24.70
CA LYS B 258 -29.77 10.84 -23.88
C LYS B 258 -28.60 10.28 -23.06
N ALA B 259 -28.72 10.34 -21.71
CA ALA B 259 -27.67 9.85 -20.77
C ALA B 259 -27.35 8.36 -21.03
N ASP B 260 -28.38 7.56 -21.38
CA ASP B 260 -28.27 6.08 -21.57
C ASP B 260 -27.41 5.80 -22.82
N GLU B 261 -27.29 6.77 -23.73
CA GLU B 261 -26.52 6.60 -24.96
C GLU B 261 -25.07 7.06 -24.75
N ARG B 262 -24.70 7.58 -23.58
CA ARG B 262 -23.29 7.95 -23.35
C ARG B 262 -22.52 6.67 -23.01
N PRO B 263 -21.23 6.56 -23.40
CA PRO B 263 -20.42 5.40 -23.04
C PRO B 263 -20.09 5.35 -21.52
N THR B 264 -19.57 4.21 -21.11
CA THR B 264 -18.91 4.02 -19.79
C THR B 264 -17.47 4.50 -19.87
N PHE B 265 -16.84 4.63 -18.69
CA PHE B 265 -15.38 4.93 -18.64
C PHE B 265 -14.59 3.78 -19.22
N LYS B 266 -15.08 2.55 -19.06
CA LYS B 266 -14.40 1.36 -19.62
C LYS B 266 -14.38 1.50 -21.14
N ILE B 267 -15.48 1.89 -21.79
CA ILE B 267 -15.52 2.01 -23.26
C ILE B 267 -14.63 3.20 -23.65
N LEU B 268 -14.74 4.31 -22.93
CA LEU B 268 -13.88 5.47 -23.21
C LEU B 268 -12.40 5.12 -23.14
N LEU B 269 -11.99 4.38 -22.12
CA LEU B 269 -10.57 3.96 -22.06
C LEU B 269 -10.15 3.10 -23.25
N SER B 270 -10.95 2.12 -23.67
CA SER B 270 -10.75 1.34 -24.92
C SER B 270 -10.54 2.28 -26.10
N ASN B 271 -11.44 3.26 -26.29
CA ASN B 271 -11.37 4.19 -27.43
C ASN B 271 -10.07 5.01 -27.36
N ILE B 272 -9.68 5.43 -26.17
CA ILE B 272 -8.47 6.29 -26.01
C ILE B 272 -7.23 5.44 -26.36
N LEU B 273 -7.20 4.22 -25.88
CA LEU B 273 -6.12 3.27 -26.19
C LEU B 273 -6.04 3.01 -27.70
N ASP B 274 -7.19 2.82 -28.38
CA ASP B 274 -7.23 2.59 -29.86
C ASP B 274 -6.55 3.77 -30.57
N VAL B 275 -6.92 5.00 -30.20
CA VAL B 275 -6.41 6.24 -30.82
C VAL B 275 -4.93 6.39 -30.51
N MET B 276 -4.50 6.15 -29.29
CA MET B 276 -3.06 6.18 -28.98
C MET B 276 -2.28 5.27 -29.94
N ASP B 277 -2.77 4.06 -30.18
CA ASP B 277 -2.06 3.12 -31.10
C ASP B 277 -2.02 3.73 -32.52
N GLU B 278 -3.18 4.16 -33.04
CA GLU B 278 -3.33 4.80 -34.38
C GLU B 278 -2.59 6.15 -34.43
N GLU B 279 -2.49 6.87 -33.31
CA GLU B 279 -1.90 8.23 -33.07
C GLU B 279 -2.82 9.42 -33.32
N SER B 280 -4.11 9.25 -33.63
CA SER B 280 -4.99 10.42 -33.98
C SER B 280 -5.11 11.35 -32.78
C3 L9S C . 12.14 -21.81 0.79
N4 L9S C . 4.90 -22.63 9.25
C5 L9S C . 10.01 -21.86 1.80
C7 L9S C . 8.63 -24.03 1.65
C14 L9S C . 1.24 -23.91 7.31
C15 L9S C . 1.46 -23.99 8.68
C13 L9S C . 2.32 -23.42 6.62
C12 L9S C . 3.55 -23.05 7.19
C11 L9S C . 5.13 -23.29 5.34
C8 L9S C . 7.57 -24.81 2.07
C10 L9S C . 6.93 -23.14 3.62
O1 L9S C . 13.05 -25.12 1.48
C1 L9S C . 11.82 -24.90 2.12
C2 L9S C . 11.68 -23.43 2.47
N1 L9S C . 11.13 -22.68 1.37
C4 L9S C . 11.61 -21.22 -0.51
C6 L9S C . 8.87 -22.78 2.21
C9 L9S C . 6.70 -24.38 3.04
N2 L9S C . 6.08 -22.59 4.61
N3 L9S C . 4.57 -22.52 6.33
F1 L9S C . 2.15 -23.34 5.32
C16 L9S C . 2.66 -23.58 9.27
C17 L9S C . 3.72 -23.09 8.56
C18 L9S C . 4.92 -22.97 10.68
C19 L9S C . 6.31 -22.64 11.13
C20 L9S C . 7.10 -22.96 9.84
C21 L9S C . 6.12 -23.12 8.67
O2 L9S C . 4.75 -24.44 5.10
C22 L9S C . 7.98 -22.36 3.20
C23 L9S C . 9.39 -21.25 0.61
N5 L9S C . 10.40 -20.51 -0.10
C24 L9S C . 10.19 -19.25 -0.65
N6 L9S C . 11.04 -18.86 -1.64
C25 L9S C . 10.86 -17.67 -2.15
N7 L9S C . 9.88 -16.78 -1.90
C26 L9S C . 9.10 -17.19 -0.91
C27 L9S C . 9.14 -18.41 -0.26
C28 L9S C . 8.08 -18.39 0.70
C29 L9S C . 7.37 -17.19 0.55
N8 L9S C . 8.04 -16.46 -0.42
C1 EDO D . 1.94 -23.46 -17.71
O1 EDO D . 1.65 -22.08 -17.60
C2 EDO D . 0.74 -24.32 -17.67
O2 EDO D . -0.31 -23.76 -16.89
C3 L9S E . -3.82 23.57 -6.67
N4 L9S E . -13.66 20.37 -3.25
C5 L9S E . -5.09 22.84 -4.84
C7 L9S E . -6.20 24.28 -3.01
C14 L9S E . -13.89 20.61 0.88
C15 L9S E . -15.09 20.38 0.18
C13 L9S E . -12.66 20.72 0.25
C12 L9S E . -12.61 20.68 -1.13
C11 L9S E . -10.59 21.89 -1.87
C8 L9S E . -7.18 24.51 -2.06
C10 L9S E . -8.34 22.58 -2.66
O1 L9S E . -5.07 26.48 -6.07
C1 L9S E . -6.28 25.75 -6.29
C2 L9S E . -6.06 24.28 -6.56
N1 L9S E . -4.87 23.95 -5.75
C4 L9S E . -2.53 23.14 -5.96
C6 L9S E . -6.21 23.15 -3.83
C9 L9S E . -8.32 23.72 -1.88
N2 L9S E . -9.39 21.66 -2.55
N3 L9S E . -11.38 20.76 -1.78
F1 L9S E . -11.52 20.94 0.99
C16 L9S E . -15.02 20.31 -1.18
C17 L9S E . -13.76 20.45 -1.86
C18 L9S E . -14.85 19.97 -3.98
C19 L9S E . -14.50 20.14 -5.43
C20 L9S E . -13.86 21.48 -5.30
C21 L9S E . -13.24 21.56 -3.93
O2 L9S E . -10.97 22.97 -1.45
C22 L9S E . -7.30 22.32 -3.57
C23 L9S E . -3.87 22.67 -4.02
N5 L9S E . -2.86 22.17 -4.92
C24 L9S E . -2.01 21.03 -4.72
N6 L9S E . -0.75 21.06 -5.22
C25 L9S E . 0.03 19.97 -5.10
N7 L9S E . -0.21 18.77 -4.57
C26 L9S E . -1.43 18.79 -4.03
C27 L9S E . -2.36 19.84 -4.10
C28 L9S E . -3.55 19.36 -3.46
C29 L9S E . -3.34 18.05 -3.07
N8 L9S E . -2.01 17.74 -3.41
C1 EDO F . 9.07 24.66 9.77
O1 EDO F . 9.56 23.35 9.55
C2 EDO F . 8.84 24.85 11.20
O2 EDO F . 7.50 24.75 11.49
#